data_4R90
#
_entry.id   4R90
#
_cell.length_a   63.570
_cell.length_b   66.880
_cell.length_c   125.420
_cell.angle_alpha   90.00
_cell.angle_beta   90.00
_cell.angle_gamma   90.00
#
_symmetry.space_group_name_H-M   'P 21 21 21'
#
loop_
_entity.id
_entity.type
_entity.pdbx_description
1 polymer 'Anti CD70 Llama glama Fab 27B3 Light chain'
2 polymer 'Anti CD70 Llama glama Fab 27B3 Heavy chain'
3 non-polymer GLYCEROL
4 non-polymer 'CALCIUM ION'
5 water water
#
loop_
_entity_poly.entity_id
_entity_poly.type
_entity_poly.pdbx_seq_one_letter_code
_entity_poly.pdbx_strand_id
1 'polypeptide(L)'
;QAVVTQEPSLTVSPGGTVTLTCGLKSGSVTSTNFPTWYQQTPGQAPRLLIYNTNTRHSGVPSRFSGSISENKAALTITGA
QPEDEAEYFCALFISNPSVEFGGGTQLTVLSQPKAAPSVTLFPPSSEELQANKATLVCLISDFYPGAVTVAWKADSSPVK
AGVETTTPSKQSNNKYAASSYLSLTPEQWKSHRSYSCQVTHEGSTVEKTVAPTECS
;
L
2 'polypeptide(L)'
;EVQLVESGGGLVQPGGSLRLSCAASGFTFSVYYMNWVRQAPGKGLEWVSDINNEGGTTYYADSVKGRFTISRDNAKNTLT
LQMNSLKPEDTALYYCVRDAGYSNHVPIFDSWGQGTQVIVASASTKGPSVFPLAPSSKSTSGGTAALGCLVKDYFPEPVT
VSWNSGALTSGVHTFPAVLQSSGLYSLSSVVTVPSSSLGTQTYICNVNHKPSNTKVDKKVEPKSCDKTH
;
H
#
# COMPACT_ATOMS: atom_id res chain seq x y z
N VAL A 3 10.11 3.70 -16.27
CA VAL A 3 9.84 3.94 -14.81
C VAL A 3 9.68 5.43 -14.52
N VAL A 4 8.52 5.81 -13.96
CA VAL A 4 8.22 7.20 -13.62
C VAL A 4 8.48 7.39 -12.12
N THR A 5 9.16 8.48 -11.77
CA THR A 5 9.68 8.67 -10.43
C THR A 5 9.07 9.89 -9.76
N GLN A 6 8.47 9.68 -8.59
CA GLN A 6 7.97 10.78 -7.77
C GLN A 6 8.52 10.66 -6.35
N GLU A 7 8.64 11.77 -5.64
CA GLU A 7 9.03 11.73 -4.22
C GLU A 7 7.99 10.90 -3.45
N PRO A 8 8.43 9.93 -2.63
CA PRO A 8 7.46 9.18 -1.82
C PRO A 8 6.57 10.08 -0.96
N SER A 9 7.16 11.11 -0.37
CA SER A 9 6.38 12.03 0.45
C SER A 9 7.02 13.40 0.62
N LEU A 10 6.18 14.38 0.85
CA LEU A 10 6.59 15.76 1.05
C LEU A 10 5.66 16.41 2.06
N THR A 11 6.12 17.51 2.66
CA THR A 11 5.30 18.24 3.62
C THR A 11 5.24 19.71 3.23
N VAL A 12 4.19 20.37 3.68
CA VAL A 12 4.05 21.81 3.54
C VAL A 12 3.22 22.33 4.71
N SER A 13 3.49 23.56 5.13
CA SER A 13 2.70 24.18 6.18
C SER A 13 1.47 24.79 5.52
N PRO A 14 0.38 24.98 6.29
CA PRO A 14 -0.75 25.69 5.73
C PRO A 14 -0.34 27.08 5.27
N GLY A 15 -0.70 27.45 4.05
CA GLY A 15 -0.29 28.73 3.46
C GLY A 15 1.05 28.68 2.77
N GLY A 16 1.75 27.55 2.85
CA GLY A 16 3.09 27.42 2.29
C GLY A 16 3.07 27.04 0.82
N THR A 17 4.26 26.98 0.23
CA THR A 17 4.41 26.59 -1.17
C THR A 17 5.26 25.35 -1.28
N VAL A 18 4.84 24.42 -2.12
CA VAL A 18 5.55 23.16 -2.29
C VAL A 18 5.48 22.71 -3.75
N THR A 19 6.58 22.11 -4.20
CA THR A 19 6.67 21.58 -5.55
C THR A 19 6.91 20.09 -5.54
N LEU A 20 6.04 19.37 -6.24
CA LEU A 20 6.16 17.93 -6.43
C LEU A 20 6.77 17.70 -7.82
N THR A 21 7.64 16.70 -7.95
CA THR A 21 8.25 16.43 -9.25
C THR A 21 7.98 15.01 -9.77
N CYS A 22 8.15 14.86 -11.08
N CYS A 22 8.18 14.85 -11.07
CA CYS A 22 7.79 13.62 -11.78
CA CYS A 22 7.81 13.64 -11.78
C CYS A 22 8.77 13.44 -12.93
C CYS A 22 8.79 13.45 -12.92
N GLY A 23 9.70 12.49 -12.77
CA GLY A 23 10.75 12.25 -13.77
C GLY A 23 10.70 10.86 -14.36
N LEU A 24 11.62 10.61 -15.31
CA LEU A 24 11.80 9.28 -15.89
C LEU A 24 13.16 8.76 -15.45
N LYS A 25 13.24 7.48 -15.13
CA LYS A 25 14.53 6.87 -14.75
C LYS A 25 15.51 7.02 -15.89
N SER A 26 15.05 6.74 -17.10
CA SER A 26 15.87 6.85 -18.31
C SER A 26 15.24 7.86 -19.25
N GLY A 27 15.80 9.07 -19.29
CA GLY A 27 15.38 10.11 -20.22
C GLY A 27 14.90 11.37 -19.53
N SER A 28 14.62 12.40 -20.32
CA SER A 28 14.10 13.66 -19.81
C SER A 28 12.61 13.76 -20.10
N VAL A 29 11.85 14.38 -19.19
CA VAL A 29 10.44 14.66 -19.41
C VAL A 29 10.36 15.94 -20.26
N THR A 30 9.55 15.91 -21.30
CA THR A 30 9.32 17.08 -22.15
C THR A 30 7.84 17.19 -22.40
N SER A 31 7.44 18.23 -23.13
CA SER A 31 6.02 18.45 -23.40
C SER A 31 5.33 17.28 -24.11
N THR A 32 6.08 16.50 -24.88
CA THR A 32 5.47 15.39 -25.63
C THR A 32 5.28 14.13 -24.77
N ASN A 33 5.65 14.22 -23.50
CA ASN A 33 5.19 13.23 -22.50
C ASN A 33 3.80 13.60 -21.96
N PHE A 34 3.30 14.76 -22.35
CA PHE A 34 1.95 15.24 -21.98
C PHE A 34 1.59 14.96 -20.52
N PRO A 35 2.40 15.47 -19.57
CA PRO A 35 2.17 15.14 -18.17
C PRO A 35 0.77 15.47 -17.65
N THR A 36 0.21 14.52 -16.90
CA THR A 36 -1.07 14.67 -16.22
C THR A 36 -0.88 14.46 -14.71
N TRP A 37 -1.60 15.24 -13.91
CA TRP A 37 -1.57 15.11 -12.45
C TRP A 37 -2.92 14.79 -11.90
N TYR A 38 -2.96 13.84 -10.98
CA TYR A 38 -4.18 13.41 -10.28
C TYR A 38 -4.02 13.56 -8.78
N GLN A 39 -5.11 13.90 -8.11
CA GLN A 39 -5.13 14.06 -6.66
C GLN A 39 -6.04 12.98 -6.06
N GLN A 40 -5.58 12.34 -4.98
CA GLN A 40 -6.43 11.34 -4.30
C GLN A 40 -6.42 11.65 -2.82
N THR A 41 -7.51 12.26 -2.34
CA THR A 41 -7.66 12.57 -0.92
C THR A 41 -8.06 11.28 -0.22
N PRO A 42 -7.84 11.21 1.12
CA PRO A 42 -8.02 9.92 1.78
C PRO A 42 -9.42 9.34 1.61
N GLY A 43 -9.48 8.05 1.26
CA GLY A 43 -10.74 7.35 1.12
C GLY A 43 -11.56 7.68 -0.12
N GLN A 44 -11.03 8.52 -1.00
CA GLN A 44 -11.74 8.92 -2.22
C GLN A 44 -11.03 8.43 -3.49
N ALA A 45 -11.79 8.43 -4.57
CA ALA A 45 -11.28 8.14 -5.90
C ALA A 45 -10.40 9.27 -6.38
N PRO A 46 -9.45 8.97 -7.28
CA PRO A 46 -8.65 10.06 -7.85
C PRO A 46 -9.46 11.10 -8.59
N ARG A 47 -8.90 12.31 -8.65
CA ARG A 47 -9.50 13.45 -9.32
C ARG A 47 -8.46 14.04 -10.28
N LEU A 48 -8.86 14.38 -11.50
CA LEU A 48 -7.95 15.01 -12.46
C LEU A 48 -7.66 16.44 -12.03
N LEU A 49 -6.38 16.82 -11.97
CA LEU A 49 -6.02 18.21 -11.63
C LEU A 49 -5.57 18.98 -12.85
N ILE A 50 -4.52 18.46 -13.49
CA ILE A 50 -3.81 19.18 -14.56
C ILE A 50 -3.46 18.19 -15.66
N TYR A 51 -3.61 18.61 -16.92
CA TYR A 51 -3.18 17.80 -18.05
C TYR A 51 -2.43 18.66 -19.09
N ASN A 52 -1.86 18.01 -20.09
CA ASN A 52 -1.06 18.73 -21.10
C ASN A 52 -0.01 19.64 -20.45
N THR A 53 0.69 19.10 -19.45
CA THR A 53 1.67 19.82 -18.65
C THR A 53 1.07 20.85 -17.69
N ASN A 54 0.32 21.81 -18.22
CA ASN A 54 -0.04 22.99 -17.42
C ASN A 54 -1.51 23.39 -17.51
N THR A 55 -2.36 22.58 -18.11
CA THR A 55 -3.77 22.95 -18.22
C THR A 55 -4.57 22.44 -17.02
N ARG A 56 -5.17 23.36 -16.26
N ARG A 56 -5.20 23.38 -16.32
CA ARG A 56 -6.01 22.96 -15.13
CA ARG A 56 -6.04 23.06 -15.18
C ARG A 56 -7.35 22.49 -15.65
C ARG A 56 -7.37 22.52 -15.65
N HIS A 57 -7.82 21.38 -15.10
CA HIS A 57 -9.16 20.89 -15.39
C HIS A 57 -10.15 21.87 -14.83
N SER A 58 -11.31 21.96 -15.48
CA SER A 58 -12.40 22.79 -15.00
C SER A 58 -12.61 22.61 -13.50
N GLY A 59 -12.70 23.73 -12.78
CA GLY A 59 -12.96 23.72 -11.34
C GLY A 59 -11.77 23.55 -10.41
N VAL A 60 -10.59 23.25 -10.96
CA VAL A 60 -9.40 23.09 -10.15
C VAL A 60 -8.88 24.48 -9.73
N PRO A 61 -8.58 24.68 -8.43
CA PRO A 61 -8.10 26.00 -7.98
C PRO A 61 -6.80 26.47 -8.64
N SER A 62 -6.68 27.79 -8.80
CA SER A 62 -5.50 28.39 -9.45
C SER A 62 -4.20 28.16 -8.66
N ARG A 63 -4.32 27.81 -7.39
CA ARG A 63 -3.12 27.54 -6.59
C ARG A 63 -2.34 26.32 -7.08
N PHE A 64 -2.97 25.47 -7.89
CA PHE A 64 -2.28 24.35 -8.52
C PHE A 64 -1.75 24.76 -9.88
N SER A 65 -0.45 24.56 -10.10
N SER A 65 -0.45 24.59 -10.11
CA SER A 65 0.20 24.91 -11.37
CA SER A 65 0.13 24.90 -11.42
C SER A 65 1.11 23.78 -11.83
C SER A 65 1.12 23.84 -11.85
N GLY A 66 1.08 23.49 -13.13
CA GLY A 66 1.92 22.45 -13.70
C GLY A 66 2.97 23.06 -14.61
N SER A 67 4.14 22.44 -14.67
CA SER A 67 5.22 22.90 -15.53
C SER A 67 6.15 21.75 -15.86
N ILE A 68 7.13 22.02 -16.72
CA ILE A 68 8.29 21.14 -16.85
C ILE A 68 9.51 21.96 -16.46
N SER A 69 10.35 21.40 -15.60
CA SER A 69 11.56 22.07 -15.16
C SER A 69 12.64 21.06 -14.87
N GLU A 70 13.84 21.30 -15.38
CA GLU A 70 15.00 20.45 -15.12
C GLU A 70 14.73 18.98 -15.45
N ASN A 71 14.15 18.79 -16.64
CA ASN A 71 13.89 17.47 -17.22
C ASN A 71 12.86 16.63 -16.45
N LYS A 72 12.04 17.29 -15.64
CA LYS A 72 10.95 16.63 -14.94
C LYS A 72 9.69 17.45 -15.03
N ALA A 73 8.55 16.78 -14.93
CA ALA A 73 7.27 17.45 -14.77
C ALA A 73 7.16 17.90 -13.32
N ALA A 74 6.53 19.04 -13.08
CA ALA A 74 6.42 19.58 -11.74
C ALA A 74 5.02 20.12 -11.46
N LEU A 75 4.52 19.81 -10.27
CA LEU A 75 3.27 20.37 -9.75
C LEU A 75 3.57 21.29 -8.58
N THR A 76 3.18 22.55 -8.68
CA THR A 76 3.42 23.52 -7.61
C THR A 76 2.11 23.92 -6.98
N ILE A 77 2.06 23.84 -5.66
CA ILE A 77 0.90 24.24 -4.88
C ILE A 77 1.32 25.47 -4.09
N THR A 78 0.71 26.61 -4.42
CA THR A 78 1.05 27.89 -3.80
C THR A 78 -0.05 28.37 -2.88
N GLY A 79 0.20 28.33 -1.58
CA GLY A 79 -0.79 28.68 -0.57
C GLY A 79 -1.60 27.46 -0.17
N ALA A 80 -0.89 26.42 0.29
CA ALA A 80 -1.49 25.12 0.60
C ALA A 80 -2.61 25.19 1.64
N GLN A 81 -3.71 24.50 1.35
CA GLN A 81 -4.83 24.41 2.25
C GLN A 81 -4.87 23.04 2.90
N PRO A 82 -5.45 22.94 4.10
CA PRO A 82 -5.56 21.63 4.76
C PRO A 82 -6.13 20.52 3.86
N GLU A 83 -7.12 20.85 3.03
CA GLU A 83 -7.75 19.85 2.17
C GLU A 83 -6.84 19.40 1.00
N ASP A 84 -5.68 20.02 0.84
CA ASP A 84 -4.71 19.62 -0.18
C ASP A 84 -3.86 18.43 0.27
N GLU A 85 -4.00 18.03 1.53
CA GLU A 85 -3.37 16.82 2.02
C GLU A 85 -3.96 15.63 1.27
N ALA A 86 -3.10 14.92 0.52
CA ALA A 86 -3.56 13.91 -0.40
C ALA A 86 -2.37 13.21 -1.02
N GLU A 87 -2.63 12.13 -1.74
CA GLU A 87 -1.65 11.50 -2.60
C GLU A 87 -1.78 12.11 -3.98
N TYR A 88 -0.66 12.50 -4.57
CA TYR A 88 -0.65 13.07 -5.92
C TYR A 88 0.06 12.11 -6.87
N PHE A 89 -0.60 11.75 -7.95
CA PHE A 89 -0.01 10.86 -8.94
C PHE A 89 0.22 11.60 -10.24
N CYS A 90 1.42 11.51 -10.80
N CYS A 90 1.41 11.42 -10.80
CA CYS A 90 1.64 11.99 -12.14
CA CYS A 90 1.79 11.91 -12.11
C CYS A 90 1.53 10.80 -13.09
C CYS A 90 1.64 10.78 -13.12
N ALA A 91 1.18 11.10 -14.33
CA ALA A 91 1.12 10.11 -15.40
C ALA A 91 1.81 10.70 -16.61
N LEU A 92 2.71 9.93 -17.21
CA LEU A 92 3.42 10.35 -18.40
C LEU A 92 3.09 9.45 -19.58
N PHE A 93 3.04 10.06 -20.77
CA PHE A 93 2.88 9.33 -22.00
C PHE A 93 4.26 9.04 -22.58
N ILE A 94 4.60 7.76 -22.63
CA ILE A 94 5.89 7.32 -23.16
C ILE A 94 5.69 6.72 -24.55
N SER A 95 4.71 5.84 -24.69
CA SER A 95 4.37 5.28 -25.98
C SER A 95 2.97 4.70 -25.95
N ASN A 96 2.42 4.48 -27.13
CA ASN A 96 1.07 3.87 -27.23
C ASN A 96 1.05 2.55 -26.45
N PRO A 97 -0.12 2.17 -25.89
CA PRO A 97 -1.45 2.79 -26.03
C PRO A 97 -1.93 3.70 -24.90
N SER A 98 -1.20 3.79 -23.81
CA SER A 98 -1.72 4.51 -22.65
C SER A 98 -0.60 5.22 -21.90
N VAL A 99 -0.80 5.46 -20.61
CA VAL A 99 0.15 6.23 -19.80
C VAL A 99 0.78 5.36 -18.72
N GLU A 100 1.92 5.84 -18.21
CA GLU A 100 2.59 5.20 -17.08
C GLU A 100 2.52 6.12 -15.88
N PHE A 101 2.19 5.57 -14.71
CA PHE A 101 2.03 6.38 -13.50
C PHE A 101 3.29 6.35 -12.63
N GLY A 102 3.59 7.49 -12.00
CA GLY A 102 4.55 7.50 -10.90
C GLY A 102 3.98 6.78 -9.69
N GLY A 103 4.82 6.59 -8.67
CA GLY A 103 4.43 5.86 -7.48
C GLY A 103 3.56 6.66 -6.54
N GLY A 104 3.40 7.95 -6.83
CA GLY A 104 2.63 8.85 -6.00
C GLY A 104 3.46 9.55 -4.92
N THR A 105 3.10 10.80 -4.65
CA THR A 105 3.66 11.54 -3.53
C THR A 105 2.60 11.77 -2.49
N GLN A 106 2.87 11.34 -1.26
CA GLN A 106 2.01 11.68 -0.12
C GLN A 106 2.36 13.09 0.37
N LEU A 107 1.44 14.03 0.19
CA LEU A 107 1.63 15.38 0.68
C LEU A 107 0.90 15.56 2.00
N THR A 108 1.65 15.85 3.05
CA THR A 108 1.08 16.19 4.34
C THR A 108 1.09 17.69 4.49
N VAL A 109 -0.06 18.25 4.85
CA VAL A 109 -0.15 19.65 5.20
C VAL A 109 -0.08 19.69 6.72
N LEU A 110 1.04 20.21 7.24
CA LEU A 110 1.41 20.00 8.64
C LEU A 110 0.35 20.55 9.59
N SER A 111 -0.07 19.70 10.52
CA SER A 111 -1.09 20.09 11.52
C SER A 111 -0.72 19.74 12.97
N GLN A 112 0.44 19.11 13.16
CA GLN A 112 0.97 18.87 14.49
C GLN A 112 2.48 18.76 14.39
N PRO A 113 3.18 18.79 15.53
CA PRO A 113 4.63 18.78 15.42
C PRO A 113 5.13 17.45 14.89
N LYS A 114 6.29 17.50 14.25
CA LYS A 114 6.91 16.30 13.73
C LYS A 114 7.34 15.36 14.88
N ALA A 115 7.16 14.07 14.65
CA ALA A 115 7.47 13.04 15.65
C ALA A 115 8.19 11.92 14.93
N ALA A 116 9.35 11.55 15.45
CA ALA A 116 10.22 10.56 14.80
C ALA A 116 9.78 9.16 15.15
N PRO A 117 9.97 8.20 14.23
CA PRO A 117 9.50 6.84 14.50
C PRO A 117 10.35 6.05 15.49
N SER A 118 9.70 5.23 16.29
N SER A 118 9.68 5.23 16.29
CA SER A 118 10.37 4.21 17.06
CA SER A 118 10.34 4.20 17.07
C SER A 118 10.33 2.93 16.24
C SER A 118 10.33 2.93 16.22
N VAL A 119 11.47 2.24 16.15
CA VAL A 119 11.61 1.04 15.33
C VAL A 119 12.05 -0.14 16.19
N THR A 120 11.32 -1.24 16.09
CA THR A 120 11.69 -2.47 16.78
C THR A 120 11.80 -3.57 15.72
N LEU A 121 12.91 -4.30 15.74
CA LEU A 121 13.13 -5.39 14.79
C LEU A 121 13.28 -6.71 15.54
N PHE A 122 12.43 -7.68 15.21
CA PHE A 122 12.52 -9.01 15.75
C PHE A 122 13.03 -9.98 14.70
N PRO A 123 13.94 -10.86 15.09
CA PRO A 123 14.40 -11.90 14.18
C PRO A 123 13.39 -13.03 14.12
N PRO A 124 13.59 -14.00 13.21
CA PRO A 124 12.70 -15.18 13.19
C PRO A 124 12.80 -15.94 14.49
N SER A 125 11.68 -16.48 14.96
CA SER A 125 11.68 -17.35 16.13
C SER A 125 12.28 -18.71 15.78
N SER A 126 12.86 -19.38 16.79
N SER A 126 12.86 -19.37 16.79
CA SER A 126 13.35 -20.74 16.60
CA SER A 126 13.36 -20.73 16.60
C SER A 126 12.20 -21.65 16.14
C SER A 126 12.21 -21.66 16.16
N GLU A 127 11.01 -21.43 16.69
CA GLU A 127 9.83 -22.19 16.28
C GLU A 127 9.56 -22.09 14.80
N GLU A 128 9.59 -20.87 14.29
CA GLU A 128 9.26 -20.65 12.87
C GLU A 128 10.30 -21.32 12.00
N LEU A 129 11.56 -21.22 12.41
CA LEU A 129 12.64 -21.87 11.67
C LEU A 129 12.44 -23.40 11.62
N GLN A 130 11.97 -23.95 12.73
CA GLN A 130 11.65 -25.38 12.78
C GLN A 130 10.51 -25.77 11.84
N ALA A 131 9.63 -24.81 11.56
CA ALA A 131 8.56 -24.99 10.57
C ALA A 131 9.01 -24.66 9.13
N ASN A 132 10.32 -24.48 8.93
N ASN A 132 10.32 -24.48 8.92
CA ASN A 132 10.92 -24.26 7.62
CA ASN A 132 10.90 -24.26 7.60
C ASN A 132 10.53 -22.93 6.99
C ASN A 132 10.54 -22.92 6.98
N LYS A 133 10.35 -21.90 7.82
CA LYS A 133 10.05 -20.55 7.36
C LYS A 133 10.86 -19.55 8.18
N ALA A 134 10.88 -18.30 7.75
CA ALA A 134 11.59 -17.26 8.52
C ALA A 134 11.03 -15.90 8.16
N THR A 135 10.55 -15.21 9.18
CA THR A 135 10.00 -13.87 9.02
C THR A 135 10.68 -12.90 9.97
N LEU A 136 11.27 -11.84 9.41
CA LEU A 136 11.75 -10.71 10.20
C LEU A 136 10.62 -9.69 10.30
N VAL A 137 10.48 -9.10 11.49
CA VAL A 137 9.35 -8.27 11.81
C VAL A 137 9.83 -6.90 12.25
N CYS A 138 9.53 -5.89 11.43
CA CYS A 138 9.99 -4.51 11.69
C CYS A 138 8.79 -3.65 12.01
N LEU A 139 8.68 -3.24 13.26
CA LEU A 139 7.51 -2.50 13.75
C LEU A 139 7.87 -1.04 13.97
N ILE A 140 7.01 -0.15 13.47
CA ILE A 140 7.32 1.28 13.37
C ILE A 140 6.19 2.07 14.00
N SER A 141 6.47 2.88 15.01
CA SER A 141 5.39 3.58 15.71
C SER A 141 5.70 5.02 16.06
N ASP A 142 4.63 5.73 16.40
CA ASP A 142 4.69 7.07 16.98
C ASP A 142 5.33 8.11 16.05
N PHE A 143 5.01 8.04 14.76
CA PHE A 143 5.56 9.01 13.81
C PHE A 143 4.53 9.94 13.21
N TYR A 144 5.01 11.12 12.87
CA TYR A 144 4.24 12.11 12.13
C TYR A 144 5.23 13.03 11.41
N PRO A 145 4.99 13.32 10.12
CA PRO A 145 3.92 12.89 9.22
C PRO A 145 3.82 11.37 9.07
N GLY A 146 2.63 10.91 8.69
CA GLY A 146 2.34 9.48 8.55
C GLY A 146 2.84 8.90 7.25
N ALA A 147 4.14 9.05 7.00
CA ALA A 147 4.75 8.54 5.78
C ALA A 147 6.15 8.09 6.10
N VAL A 148 6.48 6.86 5.74
CA VAL A 148 7.84 6.33 5.86
C VAL A 148 8.17 5.49 4.65
N THR A 149 9.47 5.29 4.44
N THR A 149 9.46 5.32 4.36
CA THR A 149 9.96 4.35 3.44
CA THR A 149 9.87 4.27 3.44
C THR A 149 10.79 3.30 4.17
C THR A 149 10.77 3.30 4.17
N VAL A 150 10.61 2.03 3.81
CA VAL A 150 11.32 0.95 4.49
C VAL A 150 12.20 0.26 3.50
N ALA A 151 13.46 0.08 3.88
CA ALA A 151 14.42 -0.67 3.07
C ALA A 151 15.03 -1.77 3.91
N TRP A 152 15.18 -2.94 3.29
CA TRP A 152 15.78 -4.06 3.95
C TRP A 152 17.10 -4.37 3.34
N LYS A 153 18.03 -4.87 4.16
CA LYS A 153 19.34 -5.27 3.69
C LYS A 153 19.71 -6.67 4.17
N ALA A 154 20.35 -7.43 3.28
CA ALA A 154 20.99 -8.69 3.61
C ALA A 154 22.48 -8.36 3.61
N ASP A 155 23.12 -8.52 4.77
CA ASP A 155 24.44 -7.93 5.02
C ASP A 155 24.35 -6.44 4.68
N SER A 156 25.10 -5.96 3.68
CA SER A 156 25.03 -4.55 3.27
C SER A 156 24.27 -4.36 1.96
N SER A 157 23.69 -5.43 1.43
CA SER A 157 23.07 -5.40 0.11
C SER A 157 21.56 -5.25 0.20
N PRO A 158 20.98 -4.39 -0.65
CA PRO A 158 19.53 -4.22 -0.58
C PRO A 158 18.78 -5.49 -0.99
N VAL A 159 17.68 -5.77 -0.28
CA VAL A 159 16.79 -6.88 -0.57
C VAL A 159 15.37 -6.36 -0.80
N LYS A 160 14.82 -6.74 -1.94
CA LYS A 160 13.54 -6.23 -2.46
C LYS A 160 12.45 -7.30 -2.33
N ALA A 161 12.79 -8.52 -2.73
CA ALA A 161 11.83 -9.58 -2.82
C ALA A 161 11.52 -10.06 -1.42
N GLY A 162 10.26 -10.43 -1.20
CA GLY A 162 9.83 -11.01 0.07
C GLY A 162 9.42 -9.98 1.12
N VAL A 163 9.31 -8.71 0.71
CA VAL A 163 8.97 -7.62 1.63
C VAL A 163 7.48 -7.27 1.53
N GLU A 164 6.82 -7.20 2.68
CA GLU A 164 5.42 -6.74 2.76
C GLU A 164 5.39 -5.61 3.79
N THR A 165 4.83 -4.46 3.41
CA THR A 165 4.83 -3.28 4.27
C THR A 165 3.45 -2.67 4.25
N THR A 166 2.94 -2.32 5.43
CA THR A 166 1.62 -1.72 5.52
C THR A 166 1.69 -0.24 5.17
N THR A 167 0.56 0.32 4.78
N THR A 167 0.54 0.31 4.80
CA THR A 167 0.40 1.75 4.69
CA THR A 167 0.35 1.74 4.72
C THR A 167 0.25 2.25 6.13
C THR A 167 0.24 2.24 6.15
N PRO A 168 0.85 3.39 6.48
CA PRO A 168 0.71 3.88 7.84
C PRO A 168 -0.72 4.17 8.25
N SER A 169 -1.05 3.85 9.50
CA SER A 169 -2.39 4.11 10.02
C SER A 169 -2.32 4.88 11.32
N LYS A 170 -3.33 5.71 11.55
CA LYS A 170 -3.34 6.58 12.72
C LYS A 170 -3.56 5.75 14.00
N GLN A 171 -2.71 5.97 14.99
CA GLN A 171 -2.84 5.33 16.31
C GLN A 171 -3.83 6.06 17.20
N SER A 172 -4.08 5.50 18.39
CA SER A 172 -4.89 6.16 19.43
C SER A 172 -4.43 7.58 19.68
N ASN A 173 -3.11 7.77 19.76
CA ASN A 173 -2.53 9.07 20.12
C ASN A 173 -2.36 10.04 18.95
N ASN A 174 -2.95 9.73 17.79
CA ASN A 174 -2.88 10.59 16.60
C ASN A 174 -1.51 10.63 15.90
N LYS A 175 -0.57 9.80 16.35
CA LYS A 175 0.63 9.57 15.56
C LYS A 175 0.35 8.33 14.73
N TYR A 176 1.30 7.94 13.91
CA TYR A 176 1.10 6.82 12.99
C TYR A 176 1.97 5.61 13.30
N ALA A 177 1.50 4.45 12.85
CA ALA A 177 2.21 3.18 12.95
C ALA A 177 2.18 2.44 11.62
N ALA A 178 3.22 1.63 11.39
CA ALA A 178 3.31 0.76 10.22
C ALA A 178 4.14 -0.45 10.59
N SER A 179 4.01 -1.50 9.78
N SER A 179 4.03 -1.49 9.78
CA SER A 179 4.77 -2.73 9.96
CA SER A 179 4.83 -2.68 9.99
C SER A 179 5.42 -3.09 8.63
C SER A 179 5.37 -3.16 8.65
N SER A 180 6.58 -3.72 8.68
CA SER A 180 7.19 -4.30 7.48
C SER A 180 7.71 -5.67 7.83
N TYR A 181 7.49 -6.62 6.93
CA TYR A 181 7.90 -8.01 7.12
C TYR A 181 8.81 -8.46 5.99
N LEU A 182 9.92 -9.14 6.32
CA LEU A 182 10.76 -9.75 5.31
C LEU A 182 10.71 -11.27 5.47
N SER A 183 10.29 -11.96 4.42
CA SER A 183 10.26 -13.42 4.41
C SER A 183 11.56 -13.94 3.79
N LEU A 184 12.18 -14.89 4.47
CA LEU A 184 13.42 -15.52 4.03
C LEU A 184 13.27 -17.03 4.16
N THR A 185 14.10 -17.80 3.46
CA THR A 185 14.26 -19.21 3.83
C THR A 185 15.16 -19.29 5.07
N PRO A 186 15.02 -20.35 5.87
CA PRO A 186 15.94 -20.56 6.99
C PRO A 186 17.43 -20.55 6.59
N GLU A 187 17.74 -21.07 5.42
CA GLU A 187 19.13 -21.09 4.94
C GLU A 187 19.64 -19.67 4.68
N GLN A 188 18.79 -18.82 4.10
CA GLN A 188 19.15 -17.42 3.89
C GLN A 188 19.44 -16.74 5.21
N TRP A 189 18.56 -16.95 6.16
CA TRP A 189 18.72 -16.36 7.48
C TRP A 189 20.03 -16.78 8.12
N LYS A 190 20.33 -18.07 8.07
CA LYS A 190 21.53 -18.63 8.73
C LYS A 190 22.84 -18.28 8.03
N SER A 191 22.79 -18.09 6.72
CA SER A 191 24.00 -18.00 5.90
C SER A 191 24.54 -16.57 5.76
N HIS A 192 23.74 -15.56 6.15
CA HIS A 192 24.19 -14.17 6.12
C HIS A 192 24.69 -13.73 7.47
N ARG A 193 25.54 -12.72 7.50
CA ARG A 193 26.06 -12.18 8.76
C ARG A 193 24.96 -11.46 9.54
N SER A 194 24.12 -10.72 8.81
CA SER A 194 23.00 -10.00 9.44
C SER A 194 21.98 -9.57 8.39
N TYR A 195 20.81 -9.16 8.88
CA TYR A 195 19.80 -8.47 8.08
C TYR A 195 19.42 -7.17 8.80
N SER A 196 19.02 -6.17 8.04
CA SER A 196 18.68 -4.85 8.57
C SER A 196 17.35 -4.32 8.04
N CYS A 197 16.62 -3.64 8.93
CA CYS A 197 15.45 -2.88 8.57
C CYS A 197 15.83 -1.42 8.73
N GLN A 198 15.71 -0.67 7.64
CA GLN A 198 16.05 0.73 7.60
C GLN A 198 14.79 1.55 7.33
N VAL A 199 14.44 2.45 8.25
CA VAL A 199 13.25 3.24 8.12
C VAL A 199 13.63 4.71 7.89
N THR A 200 13.14 5.26 6.78
CA THR A 200 13.37 6.67 6.44
C THR A 200 12.10 7.49 6.72
N HIS A 201 12.28 8.60 7.43
CA HIS A 201 11.19 9.49 7.82
C HIS A 201 11.72 10.90 7.78
N GLU A 202 11.14 11.71 6.90
CA GLU A 202 11.47 13.13 6.80
C GLU A 202 12.98 13.35 6.72
N GLY A 203 13.65 12.52 5.93
CA GLY A 203 15.06 12.72 5.63
C GLY A 203 16.02 12.15 6.65
N SER A 204 15.48 11.57 7.73
CA SER A 204 16.28 10.89 8.76
C SER A 204 16.07 9.40 8.65
N THR A 205 17.08 8.63 9.01
N THR A 205 17.09 8.62 8.98
CA THR A 205 16.99 7.17 8.91
CA THR A 205 17.00 7.16 8.91
C THR A 205 17.32 6.48 10.22
C THR A 205 17.31 6.50 10.23
N VAL A 206 16.54 5.46 10.56
CA VAL A 206 16.79 4.61 11.72
C VAL A 206 16.96 3.18 11.21
N GLU A 207 18.06 2.54 11.57
CA GLU A 207 18.34 1.20 11.11
C GLU A 207 18.64 0.27 12.26
N LYS A 208 17.87 -0.80 12.32
CA LYS A 208 18.09 -1.86 13.29
C LYS A 208 18.55 -3.11 12.53
N THR A 209 19.45 -3.85 13.16
CA THR A 209 20.07 -5.00 12.56
C THR A 209 19.99 -6.19 13.51
N VAL A 210 19.64 -7.36 12.97
CA VAL A 210 19.66 -8.61 13.74
C VAL A 210 20.51 -9.65 13.02
N ALA A 211 21.03 -10.62 13.79
CA ALA A 211 21.94 -11.65 13.29
C ALA A 211 21.56 -13.03 13.83
N PRO A 212 21.78 -14.09 13.04
CA PRO A 212 21.58 -15.44 13.56
C PRO A 212 22.71 -15.80 14.52
N GLU B 1 -25.62 13.84 -11.89
CA GLU B 1 -24.13 13.72 -11.82
C GLU B 1 -23.67 12.41 -12.45
N VAL B 2 -22.41 12.35 -12.82
CA VAL B 2 -21.81 11.12 -13.32
C VAL B 2 -21.66 10.09 -12.21
N GLN B 3 -22.05 8.85 -12.48
CA GLN B 3 -21.71 7.72 -11.63
C GLN B 3 -21.09 6.61 -12.45
N LEU B 4 -20.07 5.96 -11.88
CA LEU B 4 -19.42 4.80 -12.44
C LEU B 4 -19.36 3.81 -11.28
N VAL B 5 -20.26 2.84 -11.26
CA VAL B 5 -20.39 1.97 -10.08
C VAL B 5 -19.90 0.56 -10.41
N GLU B 6 -18.78 0.17 -9.79
CA GLU B 6 -18.17 -1.11 -10.07
C GLU B 6 -18.74 -2.18 -9.17
N SER B 7 -18.99 -3.33 -9.76
CA SER B 7 -19.41 -4.53 -9.01
C SER B 7 -18.77 -5.77 -9.61
N GLY B 8 -19.05 -6.94 -9.03
CA GLY B 8 -18.49 -8.20 -9.52
C GLY B 8 -17.11 -8.57 -9.04
N GLY B 9 -16.56 -7.80 -8.11
CA GLY B 9 -15.25 -8.12 -7.56
C GLY B 9 -15.35 -9.00 -6.32
N GLY B 10 -14.42 -8.78 -5.40
CA GLY B 10 -14.41 -9.51 -4.15
C GLY B 10 -13.37 -10.62 -4.12
N LEU B 11 -13.61 -11.63 -3.30
N LEU B 11 -13.65 -11.64 -3.31
CA LEU B 11 -12.64 -12.70 -3.07
CA LEU B 11 -12.74 -12.74 -3.11
C LEU B 11 -12.73 -13.75 -4.17
C LEU B 11 -12.75 -13.67 -4.30
N VAL B 12 -11.57 -14.18 -4.66
CA VAL B 12 -11.47 -15.20 -5.69
C VAL B 12 -10.19 -16.00 -5.46
N GLN B 13 -10.24 -17.30 -5.73
CA GLN B 13 -9.03 -18.09 -5.58
C GLN B 13 -8.21 -18.01 -6.86
N PRO B 14 -6.91 -18.37 -6.78
CA PRO B 14 -6.07 -18.19 -7.96
C PRO B 14 -6.54 -18.94 -9.20
N GLY B 15 -7.28 -20.04 -9.02
CA GLY B 15 -7.81 -20.81 -10.14
C GLY B 15 -9.18 -20.40 -10.63
N GLY B 16 -9.71 -19.31 -10.09
CA GLY B 16 -11.06 -18.88 -10.38
C GLY B 16 -11.09 -17.76 -11.39
N SER B 17 -12.19 -17.05 -11.44
CA SER B 17 -12.34 -15.92 -12.35
C SER B 17 -13.34 -14.94 -11.79
N LEU B 18 -13.28 -13.70 -12.28
CA LEU B 18 -14.28 -12.70 -11.91
C LEU B 18 -14.74 -11.98 -13.17
N ARG B 19 -15.95 -11.45 -13.12
CA ARG B 19 -16.42 -10.58 -14.18
C ARG B 19 -16.78 -9.23 -13.55
N LEU B 20 -15.87 -8.27 -13.59
CA LEU B 20 -16.18 -6.93 -13.07
C LEU B 20 -17.13 -6.25 -14.02
N SER B 21 -18.05 -5.48 -13.46
CA SER B 21 -19.00 -4.72 -14.25
C SER B 21 -19.09 -3.30 -13.69
N CYS B 22 -19.07 -2.32 -14.57
CA CYS B 22 -19.24 -0.94 -14.22
C CYS B 22 -20.55 -0.47 -14.83
N ALA B 23 -21.42 0.04 -13.97
CA ALA B 23 -22.66 0.65 -14.38
C ALA B 23 -22.39 2.14 -14.51
N ALA B 24 -22.50 2.65 -15.73
CA ALA B 24 -22.25 4.06 -16.01
C ALA B 24 -23.57 4.79 -16.12
N SER B 25 -23.61 6.00 -15.58
CA SER B 25 -24.79 6.83 -15.66
C SER B 25 -24.46 8.33 -15.58
N GLY B 26 -25.37 9.13 -16.13
CA GLY B 26 -25.31 10.59 -15.98
C GLY B 26 -24.50 11.29 -17.04
N PHE B 27 -24.14 10.55 -18.08
CA PHE B 27 -23.43 11.08 -19.25
C PHE B 27 -23.68 10.13 -20.42
N THR B 28 -23.40 10.58 -21.65
CA THR B 28 -23.60 9.76 -22.83
C THR B 28 -22.42 8.80 -22.96
N PHE B 29 -22.61 7.60 -22.45
CA PHE B 29 -21.54 6.59 -22.29
C PHE B 29 -20.85 6.28 -23.62
N SER B 30 -21.66 6.14 -24.67
CA SER B 30 -21.17 5.77 -26.01
C SER B 30 -20.21 6.79 -26.63
N VAL B 31 -20.11 7.99 -26.05
CA VAL B 31 -19.28 9.08 -26.59
C VAL B 31 -17.81 8.98 -26.16
N TYR B 32 -17.52 8.11 -25.20
CA TYR B 32 -16.20 8.09 -24.54
C TYR B 32 -15.46 6.75 -24.60
N TYR B 33 -14.14 6.85 -24.73
CA TYR B 33 -13.26 5.73 -24.42
C TYR B 33 -13.38 5.46 -22.93
N MET B 34 -13.43 4.19 -22.56
CA MET B 34 -13.59 3.79 -21.17
C MET B 34 -12.44 2.87 -20.78
N ASN B 35 -12.11 2.91 -19.49
CA ASN B 35 -10.91 2.30 -18.95
C ASN B 35 -11.16 1.56 -17.64
N TRP B 36 -10.31 0.58 -17.39
CA TRP B 36 -10.09 0.08 -16.04
C TRP B 36 -8.69 0.47 -15.60
N VAL B 37 -8.59 0.96 -14.36
CA VAL B 37 -7.32 1.34 -13.74
C VAL B 37 -7.36 0.72 -12.35
N ARG B 38 -6.25 0.14 -11.89
CA ARG B 38 -6.27 -0.49 -10.58
C ARG B 38 -5.24 0.09 -9.63
N GLN B 39 -5.45 -0.12 -8.34
CA GLN B 39 -4.53 0.36 -7.32
C GLN B 39 -4.32 -0.73 -6.30
N ALA B 40 -3.08 -1.23 -6.25
CA ALA B 40 -2.77 -2.37 -5.38
C ALA B 40 -2.55 -1.89 -3.95
N PRO B 41 -2.79 -2.78 -2.95
CA PRO B 41 -2.99 -2.42 -1.54
C PRO B 41 -2.19 -1.20 -1.05
N GLY B 42 -0.88 -1.23 -1.21
CA GLY B 42 -0.03 -0.11 -0.80
C GLY B 42 0.83 0.41 -1.93
N LYS B 43 0.26 0.46 -3.12
CA LYS B 43 1.01 0.89 -4.30
C LYS B 43 0.24 1.98 -5.05
N GLY B 44 0.76 2.35 -6.21
CA GLY B 44 0.20 3.44 -6.97
C GLY B 44 -0.83 2.95 -7.96
N LEU B 45 -1.09 3.79 -8.95
CA LEU B 45 -2.09 3.52 -9.96
C LEU B 45 -1.48 2.78 -11.13
N GLU B 46 -2.25 1.88 -11.73
CA GLU B 46 -1.79 1.11 -12.88
C GLU B 46 -2.92 0.98 -13.89
N TRP B 47 -2.72 1.52 -15.07
CA TRP B 47 -3.72 1.36 -16.11
C TRP B 47 -3.79 -0.09 -16.53
N VAL B 48 -5.01 -0.61 -16.69
CA VAL B 48 -5.26 -2.02 -17.02
C VAL B 48 -5.69 -2.22 -18.47
N SER B 49 -6.73 -1.52 -18.91
CA SER B 49 -7.26 -1.73 -20.25
C SER B 49 -8.17 -0.57 -20.65
N ASP B 50 -8.30 -0.34 -21.96
CA ASP B 50 -9.34 0.55 -22.45
C ASP B 50 -10.00 0.03 -23.72
N ILE B 51 -11.11 0.67 -24.05
CA ILE B 51 -11.94 0.30 -25.18
C ILE B 51 -12.50 1.57 -25.82
N ASN B 52 -12.53 1.57 -27.16
CA ASN B 52 -13.01 2.73 -27.90
C ASN B 52 -14.53 2.86 -27.81
N ASN B 53 -15.06 3.91 -28.41
CA ASN B 53 -16.49 4.21 -28.29
C ASN B 53 -17.38 3.03 -28.65
N GLU B 54 -17.17 2.43 -29.82
N GLU B 54 -17.10 2.44 -29.81
CA GLU B 54 -18.09 1.40 -30.32
CA GLU B 54 -17.97 1.44 -30.41
C GLU B 54 -17.65 -0.03 -29.99
C GLU B 54 -17.70 0.04 -29.86
N GLY B 55 -16.47 -0.19 -29.39
CA GLY B 55 -16.05 -1.49 -28.87
C GLY B 55 -15.15 -2.34 -29.76
N GLY B 56 -14.87 -1.89 -30.97
CA GLY B 56 -14.08 -2.67 -31.93
C GLY B 56 -12.59 -2.58 -31.71
N THR B 57 -12.15 -1.67 -30.85
CA THR B 57 -10.73 -1.51 -30.57
C THR B 57 -10.49 -1.57 -29.07
N THR B 58 -9.60 -2.46 -28.65
CA THR B 58 -9.28 -2.63 -27.24
C THR B 58 -7.77 -2.60 -27.08
N TYR B 59 -7.31 -2.12 -25.93
CA TYR B 59 -5.89 -2.16 -25.55
C TYR B 59 -5.73 -2.66 -24.12
N TYR B 60 -4.57 -3.25 -23.85
CA TYR B 60 -4.27 -3.89 -22.57
C TYR B 60 -2.85 -3.57 -22.08
N ALA B 61 -2.71 -3.48 -20.76
CA ALA B 61 -1.40 -3.50 -20.15
C ALA B 61 -0.75 -4.84 -20.51
N ASP B 62 0.55 -4.80 -20.76
CA ASP B 62 1.26 -6.00 -21.21
C ASP B 62 0.98 -7.22 -20.30
N SER B 63 1.00 -6.99 -18.99
CA SER B 63 0.89 -8.08 -18.01
C SER B 63 -0.50 -8.68 -17.87
N VAL B 64 -1.54 -8.03 -18.42
CA VAL B 64 -2.89 -8.63 -18.42
C VAL B 64 -3.28 -9.21 -19.79
N LYS B 65 -2.47 -8.97 -20.82
CA LYS B 65 -2.77 -9.51 -22.15
C LYS B 65 -2.93 -11.02 -22.09
N GLY B 66 -4.01 -11.51 -22.68
CA GLY B 66 -4.31 -12.93 -22.76
C GLY B 66 -4.97 -13.48 -21.50
N ARG B 67 -5.12 -12.64 -20.47
CA ARG B 67 -5.75 -13.05 -19.22
C ARG B 67 -7.09 -12.32 -19.02
N PHE B 68 -7.10 -11.02 -19.25
CA PHE B 68 -8.30 -10.21 -19.08
C PHE B 68 -8.87 -9.86 -20.45
N THR B 69 -10.19 -9.64 -20.49
CA THR B 69 -10.87 -9.12 -21.67
C THR B 69 -11.80 -7.98 -21.28
N ILE B 70 -11.61 -6.83 -21.92
CA ILE B 70 -12.50 -5.69 -21.74
C ILE B 70 -13.60 -5.74 -22.81
N SER B 71 -14.79 -5.32 -22.41
CA SER B 71 -15.91 -5.21 -23.33
C SER B 71 -16.87 -4.13 -22.82
N ARG B 72 -17.77 -3.70 -23.67
CA ARG B 72 -18.80 -2.72 -23.29
C ARG B 72 -20.12 -2.99 -23.97
N ASP B 73 -21.18 -2.42 -23.40
CA ASP B 73 -22.49 -2.49 -23.99
C ASP B 73 -23.12 -1.11 -23.84
N ASN B 74 -23.29 -0.44 -24.97
CA ASN B 74 -23.69 0.97 -24.97
C ASN B 74 -25.19 1.18 -24.75
N ALA B 75 -25.95 0.08 -24.79
CA ALA B 75 -27.36 0.11 -24.45
C ALA B 75 -27.56 -0.11 -22.94
N LYS B 76 -26.81 -1.05 -22.39
CA LYS B 76 -26.86 -1.36 -20.95
C LYS B 76 -26.04 -0.38 -20.13
N ASN B 77 -25.24 0.45 -20.82
CA ASN B 77 -24.32 1.35 -20.16
C ASN B 77 -23.35 0.62 -19.21
N THR B 78 -22.80 -0.50 -19.68
CA THR B 78 -21.85 -1.26 -18.90
C THR B 78 -20.48 -1.31 -19.54
N LEU B 79 -19.47 -1.33 -18.69
CA LEU B 79 -18.10 -1.68 -19.03
C LEU B 79 -17.79 -2.93 -18.24
N THR B 80 -17.13 -3.89 -18.88
CA THR B 80 -16.91 -5.21 -18.27
C THR B 80 -15.42 -5.53 -18.32
N LEU B 81 -14.93 -6.17 -17.25
CA LEU B 81 -13.58 -6.76 -17.26
C LEU B 81 -13.67 -8.23 -16.86
N GLN B 82 -13.51 -9.11 -17.85
CA GLN B 82 -13.51 -10.54 -17.59
C GLN B 82 -12.09 -10.87 -17.16
N MET B 83 -11.95 -11.35 -15.93
CA MET B 83 -10.65 -11.63 -15.31
C MET B 83 -10.50 -13.12 -15.17
N ASN B 84 -9.71 -13.70 -16.07
CA ASN B 84 -9.39 -15.11 -16.07
C ASN B 84 -7.91 -15.30 -15.75
N SER B 85 -7.53 -16.51 -15.39
CA SER B 85 -6.12 -16.86 -15.21
C SER B 85 -5.41 -15.88 -14.26
N LEU B 86 -5.82 -15.90 -13.01
CA LEU B 86 -5.49 -14.85 -12.03
C LEU B 86 -4.10 -15.02 -11.42
N LYS B 87 -3.59 -13.91 -10.85
CA LYS B 87 -2.25 -13.81 -10.30
C LYS B 87 -2.28 -12.97 -9.02
N PRO B 88 -1.31 -13.14 -8.12
CA PRO B 88 -1.22 -12.29 -6.91
C PRO B 88 -1.29 -10.77 -7.23
N GLU B 89 -0.63 -10.39 -8.33
CA GLU B 89 -0.69 -9.04 -8.94
C GLU B 89 -2.04 -8.43 -9.05
N ASP B 90 -3.05 -9.28 -9.20
CA ASP B 90 -4.39 -8.85 -9.52
C ASP B 90 -5.19 -8.36 -8.30
N THR B 91 -4.68 -8.65 -7.10
CA THR B 91 -5.27 -8.11 -5.89
C THR B 91 -5.08 -6.60 -5.89
N ALA B 92 -6.20 -5.88 -5.92
CA ALA B 92 -6.20 -4.44 -6.08
C ALA B 92 -7.62 -3.90 -6.03
N LEU B 93 -7.70 -2.58 -5.89
CA LEU B 93 -8.93 -1.82 -6.08
C LEU B 93 -9.07 -1.49 -7.56
N TYR B 94 -10.19 -1.90 -8.17
CA TYR B 94 -10.41 -1.68 -9.62
C TYR B 94 -11.37 -0.56 -9.86
N TYR B 95 -10.88 0.50 -10.51
CA TYR B 95 -11.68 1.65 -10.88
C TYR B 95 -12.13 1.59 -12.32
N CYS B 96 -13.39 1.93 -12.51
CA CYS B 96 -13.96 2.22 -13.80
C CYS B 96 -13.74 3.71 -14.05
N VAL B 97 -13.20 4.03 -15.24
CA VAL B 97 -12.62 5.33 -15.50
C VAL B 97 -12.91 5.83 -16.92
N ARG B 98 -13.41 7.07 -17.00
CA ARG B 98 -13.68 7.70 -18.27
C ARG B 98 -12.48 8.48 -18.77
N ASP B 99 -12.18 8.30 -20.05
CA ASP B 99 -11.21 9.15 -20.76
C ASP B 99 -11.97 10.39 -21.22
N ALA B 100 -11.49 11.56 -20.81
CA ALA B 100 -12.13 12.83 -21.15
C ALA B 100 -12.22 13.03 -22.66
N GLY B 101 -11.27 12.46 -23.39
CA GLY B 101 -11.26 12.51 -24.84
C GLY B 101 -10.63 13.76 -25.44
N TYR B 102 -9.77 14.43 -24.69
CA TYR B 102 -9.08 15.62 -25.20
C TYR B 102 -8.09 15.29 -26.31
N SER B 103 -7.49 14.10 -26.24
CA SER B 103 -6.37 13.72 -27.10
C SER B 103 -6.66 12.39 -27.80
N ASN B 104 -6.10 12.19 -28.99
CA ASN B 104 -6.24 10.89 -29.68
C ASN B 104 -5.25 9.83 -29.21
N HIS B 105 -4.17 10.26 -28.55
CA HIS B 105 -3.11 9.33 -28.15
C HIS B 105 -2.99 9.19 -26.67
N VAL B 106 -3.31 10.25 -25.93
CA VAL B 106 -3.06 10.28 -24.48
C VAL B 106 -4.37 10.19 -23.69
N PRO B 107 -4.61 9.06 -23.01
CA PRO B 107 -5.80 9.00 -22.17
C PRO B 107 -5.66 9.96 -20.99
N ILE B 108 -6.71 10.72 -20.74
CA ILE B 108 -6.75 11.71 -19.67
C ILE B 108 -8.02 11.42 -18.87
N PHE B 109 -7.86 11.05 -17.60
CA PHE B 109 -8.96 10.40 -16.86
C PHE B 109 -9.77 11.38 -16.02
N ASP B 110 -10.93 11.81 -16.54
CA ASP B 110 -11.69 12.88 -15.90
C ASP B 110 -12.78 12.46 -14.92
N SER B 111 -13.14 11.18 -14.90
N SER B 111 -13.18 11.19 -14.95
CA SER B 111 -14.16 10.71 -14.00
CA SER B 111 -14.24 10.66 -14.08
C SER B 111 -13.86 9.28 -13.61
C SER B 111 -13.83 9.26 -13.62
N TRP B 112 -13.84 9.03 -12.30
CA TRP B 112 -13.46 7.76 -11.72
C TRP B 112 -14.56 7.28 -10.81
N GLY B 113 -14.84 5.99 -10.82
CA GLY B 113 -15.69 5.38 -9.80
C GLY B 113 -14.97 5.28 -8.48
N GLN B 114 -15.67 4.80 -7.45
CA GLN B 114 -15.07 4.59 -6.13
C GLN B 114 -14.21 3.33 -6.10
N GLY B 115 -14.38 2.48 -7.09
CA GLY B 115 -13.61 1.23 -7.22
C GLY B 115 -14.22 0.08 -6.46
N THR B 116 -13.90 -1.15 -6.88
CA THR B 116 -14.27 -2.32 -6.13
C THR B 116 -13.05 -3.18 -5.90
N GLN B 117 -12.93 -3.73 -4.70
N GLN B 117 -12.95 -3.74 -4.71
CA GLN B 117 -11.77 -4.51 -4.34
CA GLN B 117 -11.79 -4.51 -4.32
C GLN B 117 -11.85 -5.92 -4.89
C GLN B 117 -11.85 -5.92 -4.89
N VAL B 118 -10.70 -6.40 -5.39
CA VAL B 118 -10.49 -7.79 -5.72
C VAL B 118 -9.37 -8.30 -4.80
N ILE B 119 -9.57 -9.47 -4.20
CA ILE B 119 -8.50 -10.16 -3.45
C ILE B 119 -8.35 -11.55 -4.03
N VAL B 120 -7.16 -11.84 -4.56
CA VAL B 120 -6.84 -13.18 -5.03
C VAL B 120 -6.21 -13.87 -3.81
N ALA B 121 -6.97 -14.75 -3.18
CA ALA B 121 -6.51 -15.32 -1.91
C ALA B 121 -6.32 -16.79 -2.08
N SER B 122 -5.12 -17.26 -1.70
CA SER B 122 -4.76 -18.65 -1.88
C SER B 122 -5.63 -19.60 -1.04
N ALA B 123 -6.22 -19.10 0.06
CA ALA B 123 -7.20 -19.85 0.89
C ALA B 123 -8.45 -19.02 1.18
N SER B 124 -9.62 -19.66 1.16
CA SER B 124 -10.87 -18.99 1.53
C SER B 124 -11.07 -18.82 3.05
N THR B 125 -10.62 -19.80 3.83
CA THR B 125 -10.66 -19.73 5.29
C THR B 125 -9.44 -20.44 5.84
N LYS B 126 -8.53 -19.72 6.50
CA LYS B 126 -7.31 -20.32 7.03
C LYS B 126 -6.98 -19.69 8.39
N GLY B 127 -6.73 -20.55 9.37
CA GLY B 127 -6.29 -20.11 10.69
C GLY B 127 -4.82 -19.70 10.69
N PRO B 128 -4.44 -18.81 11.63
CA PRO B 128 -3.07 -18.31 11.68
C PRO B 128 -2.07 -19.29 12.28
N SER B 129 -0.82 -19.19 11.85
CA SER B 129 0.28 -19.68 12.64
C SER B 129 0.67 -18.55 13.59
N VAL B 130 1.02 -18.90 14.82
CA VAL B 130 1.39 -17.92 15.84
C VAL B 130 2.79 -18.24 16.34
N PHE B 131 3.68 -17.27 16.19
CA PHE B 131 5.06 -17.42 16.62
C PHE B 131 5.40 -16.42 17.70
N PRO B 132 6.20 -16.84 18.68
CA PRO B 132 6.57 -15.92 19.75
C PRO B 132 7.67 -15.00 19.28
N LEU B 133 7.62 -13.75 19.69
CA LEU B 133 8.67 -12.78 19.46
C LEU B 133 9.34 -12.53 20.81
N ALA B 134 10.49 -13.18 21.00
CA ALA B 134 11.15 -13.19 22.31
C ALA B 134 11.53 -11.77 22.73
N PRO B 135 11.45 -11.49 24.03
CA PRO B 135 11.69 -10.17 24.54
C PRO B 135 13.06 -9.61 24.18
N SER B 136 13.04 -8.32 23.86
CA SER B 136 14.23 -7.54 23.61
C SER B 136 14.10 -6.18 24.25
N SER B 137 15.21 -5.69 24.78
CA SER B 137 15.25 -4.36 25.38
C SER B 137 16.15 -3.40 24.59
N LYS B 138 16.58 -3.81 23.40
CA LYS B 138 17.45 -2.94 22.60
C LYS B 138 16.76 -1.63 22.19
N SER B 139 15.45 -1.64 22.02
CA SER B 139 14.73 -0.48 21.49
C SER B 139 13.64 0.09 22.40
N THR B 140 13.59 -0.35 23.65
CA THR B 140 12.60 0.12 24.60
C THR B 140 13.22 1.06 25.64
N SER B 141 12.37 1.70 26.43
CA SER B 141 12.84 2.54 27.54
C SER B 141 13.60 1.69 28.55
N GLY B 142 14.62 2.29 29.19
CA GLY B 142 15.40 1.57 30.19
C GLY B 142 14.53 0.89 31.24
N GLY B 143 14.79 -0.39 31.50
CA GLY B 143 14.05 -1.14 32.51
C GLY B 143 12.83 -1.89 31.98
N THR B 144 12.57 -1.73 30.69
CA THR B 144 11.47 -2.45 30.02
C THR B 144 11.98 -3.26 28.84
N ALA B 145 11.15 -4.22 28.40
CA ALA B 145 11.45 -5.10 27.30
C ALA B 145 10.18 -5.27 26.47
N ALA B 146 10.35 -5.43 25.17
CA ALA B 146 9.24 -5.63 24.26
C ALA B 146 9.24 -7.07 23.82
N LEU B 147 8.09 -7.71 23.96
CA LEU B 147 7.88 -9.08 23.48
C LEU B 147 6.57 -9.13 22.73
N GLY B 148 6.36 -10.16 21.93
CA GLY B 148 5.16 -10.19 21.12
C GLY B 148 4.79 -11.52 20.54
N CYS B 149 3.79 -11.47 19.67
CA CYS B 149 3.38 -12.61 18.87
C CYS B 149 3.22 -12.15 17.44
N LEU B 150 3.77 -12.96 16.53
CA LEU B 150 3.55 -12.85 15.10
C LEU B 150 2.40 -13.79 14.71
N VAL B 151 1.32 -13.19 14.20
CA VAL B 151 0.10 -13.90 13.87
C VAL B 151 0.09 -13.95 12.34
N LYS B 152 0.49 -15.10 11.77
CA LYS B 152 0.83 -15.15 10.35
C LYS B 152 -0.11 -16.00 9.52
N ASP B 153 -0.44 -15.49 8.33
CA ASP B 153 -1.09 -16.26 7.27
C ASP B 153 -2.49 -16.74 7.65
N TYR B 154 -3.37 -15.78 7.92
CA TYR B 154 -4.78 -16.10 8.20
C TYR B 154 -5.67 -15.40 7.20
N PHE B 155 -6.89 -15.94 7.03
CA PHE B 155 -7.89 -15.34 6.16
C PHE B 155 -9.28 -15.86 6.51
N PRO B 156 -10.32 -14.99 6.45
CA PRO B 156 -10.30 -13.55 6.26
C PRO B 156 -10.04 -12.85 7.58
N GLU B 157 -10.08 -11.52 7.59
N GLU B 157 -10.05 -11.51 7.58
CA GLU B 157 -10.09 -10.79 8.84
CA GLU B 157 -10.07 -10.75 8.84
C GLU B 157 -11.41 -11.08 9.55
C GLU B 157 -11.38 -11.07 9.55
N PRO B 158 -11.47 -10.85 10.88
CA PRO B 158 -10.44 -10.37 11.78
C PRO B 158 -9.86 -11.48 12.66
N VAL B 159 -8.78 -11.14 13.33
CA VAL B 159 -8.30 -11.88 14.49
C VAL B 159 -8.42 -10.93 15.68
N THR B 160 -8.54 -11.50 16.86
CA THR B 160 -8.43 -10.74 18.09
C THR B 160 -7.20 -11.26 18.84
N VAL B 161 -6.50 -10.35 19.51
CA VAL B 161 -5.36 -10.70 20.32
C VAL B 161 -5.53 -10.05 21.68
N SER B 162 -5.41 -10.86 22.73
CA SER B 162 -5.30 -10.34 24.09
C SER B 162 -4.02 -10.90 24.69
N TRP B 163 -3.64 -10.40 25.86
CA TRP B 163 -2.52 -10.90 26.62
C TRP B 163 -2.95 -11.37 27.99
N ASN B 164 -2.43 -12.54 28.40
CA ASN B 164 -2.71 -13.11 29.72
C ASN B 164 -4.21 -13.17 30.00
N SER B 165 -4.96 -13.63 29.00
CA SER B 165 -6.42 -13.76 29.09
C SER B 165 -7.15 -12.47 29.48
N GLY B 166 -6.55 -11.34 29.08
CA GLY B 166 -7.13 -10.04 29.33
C GLY B 166 -6.63 -9.38 30.60
N ALA B 167 -5.80 -10.08 31.37
CA ALA B 167 -5.28 -9.54 32.62
C ALA B 167 -4.11 -8.59 32.41
N LEU B 168 -3.55 -8.55 31.20
CA LEU B 168 -2.51 -7.58 30.85
C LEU B 168 -3.03 -6.71 29.72
N THR B 169 -3.30 -5.43 30.01
CA THR B 169 -3.80 -4.52 28.99
C THR B 169 -2.89 -3.32 28.75
N SER B 170 -2.07 -2.98 29.74
CA SER B 170 -1.17 -1.85 29.63
C SER B 170 0.01 -2.20 28.75
N GLY B 171 0.40 -1.25 27.89
CA GLY B 171 1.60 -1.42 27.07
C GLY B 171 1.43 -2.34 25.88
N VAL B 172 0.18 -2.67 25.55
CA VAL B 172 -0.11 -3.53 24.40
C VAL B 172 -0.30 -2.70 23.14
N HIS B 173 0.39 -3.07 22.05
N HIS B 173 0.36 -3.09 22.05
CA HIS B 173 0.18 -2.46 20.74
CA HIS B 173 0.13 -2.48 20.76
C HIS B 173 0.00 -3.57 19.73
C HIS B 173 -0.01 -3.55 19.72
N THR B 174 -1.23 -3.74 19.25
CA THR B 174 -1.52 -4.71 18.17
C THR B 174 -1.57 -3.89 16.88
N PHE B 175 -0.67 -4.22 15.97
CA PHE B 175 -0.54 -3.48 14.72
C PHE B 175 -1.57 -3.92 13.68
N PRO B 176 -2.02 -2.97 12.83
CA PRO B 176 -2.86 -3.34 11.69
C PRO B 176 -2.21 -4.41 10.85
N ALA B 177 -3.03 -5.32 10.31
CA ALA B 177 -2.50 -6.41 9.51
C ALA B 177 -2.04 -5.91 8.16
N VAL B 178 -1.06 -6.61 7.59
CA VAL B 178 -0.70 -6.46 6.19
C VAL B 178 -1.40 -7.55 5.38
N LEU B 179 -1.83 -7.20 4.17
CA LEU B 179 -2.40 -8.16 3.25
C LEU B 179 -1.25 -8.52 2.33
N GLN B 180 -0.80 -9.76 2.44
CA GLN B 180 0.37 -10.21 1.71
C GLN B 180 0.03 -10.56 0.27
N SER B 181 1.06 -10.77 -0.55
N SER B 181 1.06 -10.77 -0.54
N SER B 181 1.05 -10.77 -0.56
CA SER B 181 0.87 -11.13 -1.95
CA SER B 181 0.91 -11.15 -1.94
CA SER B 181 0.84 -11.13 -1.96
C SER B 181 0.11 -12.45 -2.10
C SER B 181 0.11 -12.44 -2.09
C SER B 181 0.07 -12.44 -2.10
N SER B 182 0.24 -13.33 -1.12
CA SER B 182 -0.51 -14.58 -1.09
C SER B 182 -2.01 -14.39 -0.86
N GLY B 183 -2.43 -13.17 -0.51
CA GLY B 183 -3.82 -12.87 -0.22
C GLY B 183 -4.20 -13.24 1.19
N LEU B 184 -3.19 -13.61 1.99
CA LEU B 184 -3.38 -13.90 3.42
C LEU B 184 -2.86 -12.75 4.26
N TYR B 185 -3.45 -12.58 5.43
CA TYR B 185 -3.07 -11.50 6.35
C TYR B 185 -2.01 -11.95 7.34
N SER B 186 -1.20 -11.00 7.81
N SER B 186 -1.25 -10.98 7.83
CA SER B 186 -0.32 -11.22 8.95
CA SER B 186 -0.33 -11.19 8.94
C SER B 186 -0.33 -9.95 9.80
C SER B 186 -0.33 -9.93 9.80
N LEU B 187 -0.28 -10.11 11.12
CA LEU B 187 -0.12 -8.97 12.03
C LEU B 187 0.80 -9.33 13.19
N SER B 188 1.23 -8.32 13.92
CA SER B 188 1.99 -8.52 15.15
C SER B 188 1.32 -7.80 16.30
N SER B 189 1.42 -8.39 17.48
CA SER B 189 1.02 -7.73 18.73
C SER B 189 2.22 -7.74 19.66
N VAL B 190 2.54 -6.57 20.21
N VAL B 190 2.57 -6.57 20.17
CA VAL B 190 3.74 -6.38 21.04
CA VAL B 190 3.69 -6.48 21.09
C VAL B 190 3.37 -5.71 22.36
C VAL B 190 3.20 -5.87 22.39
N VAL B 191 3.86 -6.27 23.46
CA VAL B 191 3.59 -5.70 24.78
C VAL B 191 4.93 -5.35 25.40
N THR B 192 4.98 -4.17 26.02
CA THR B 192 6.19 -3.70 26.70
C THR B 192 5.96 -3.90 28.18
N VAL B 193 6.91 -4.59 28.82
CA VAL B 193 6.79 -5.03 30.20
C VAL B 193 8.07 -4.71 30.96
N PRO B 194 8.01 -4.71 32.29
CA PRO B 194 9.27 -4.57 33.04
C PRO B 194 10.25 -5.71 32.76
N SER B 195 11.51 -5.38 32.52
CA SER B 195 12.53 -6.39 32.23
C SER B 195 12.70 -7.40 33.36
N SER B 196 12.56 -6.93 34.59
CA SER B 196 12.69 -7.80 35.76
C SER B 196 11.61 -8.87 35.85
N SER B 197 10.46 -8.62 35.21
CA SER B 197 9.35 -9.56 35.25
C SER B 197 9.58 -10.79 34.36
N LEU B 198 10.55 -10.69 33.45
CA LEU B 198 10.75 -11.76 32.49
C LEU B 198 11.07 -13.10 33.18
N GLY B 199 11.76 -13.05 34.32
CA GLY B 199 12.04 -14.26 35.09
C GLY B 199 10.84 -14.89 35.81
N THR B 200 9.81 -14.10 36.07
CA THR B 200 8.76 -14.46 37.03
C THR B 200 7.35 -14.52 36.44
N GLN B 201 7.02 -13.59 35.56
CA GLN B 201 5.67 -13.47 35.02
C GLN B 201 5.55 -14.23 33.71
N THR B 202 4.57 -15.13 33.62
CA THR B 202 4.26 -15.79 32.33
C THR B 202 3.50 -14.84 31.42
N TYR B 203 3.97 -14.73 30.17
CA TYR B 203 3.30 -13.94 29.14
C TYR B 203 2.75 -14.85 28.07
N ILE B 204 1.44 -14.75 27.83
CA ILE B 204 0.76 -15.57 26.84
C ILE B 204 -0.11 -14.67 25.98
N CYS B 205 0.03 -14.77 24.65
CA CYS B 205 -0.87 -14.03 23.78
C CYS B 205 -2.02 -14.95 23.41
N ASN B 206 -3.23 -14.42 23.52
CA ASN B 206 -4.43 -15.19 23.21
C ASN B 206 -4.99 -14.74 21.86
N VAL B 207 -4.80 -15.58 20.86
CA VAL B 207 -5.20 -15.26 19.48
C VAL B 207 -6.48 -16.01 19.15
N ASN B 208 -7.51 -15.29 18.72
CA ASN B 208 -8.77 -15.91 18.33
C ASN B 208 -9.07 -15.55 16.85
N HIS B 209 -9.20 -16.58 16.02
CA HIS B 209 -9.60 -16.43 14.63
C HIS B 209 -10.93 -17.10 14.40
N LYS B 210 -12.00 -16.35 14.62
CA LYS B 210 -13.35 -16.93 14.57
C LYS B 210 -13.70 -17.56 13.24
N PRO B 211 -13.32 -16.93 12.11
CA PRO B 211 -13.70 -17.53 10.83
C PRO B 211 -13.23 -18.96 10.64
N SER B 212 -12.07 -19.32 11.18
CA SER B 212 -11.55 -20.70 11.06
C SER B 212 -11.77 -21.53 12.33
N ASN B 213 -12.48 -20.97 13.31
CA ASN B 213 -12.65 -21.61 14.62
C ASN B 213 -11.30 -22.08 15.20
N THR B 214 -10.33 -21.18 15.18
CA THR B 214 -8.99 -21.45 15.68
C THR B 214 -8.68 -20.52 16.84
N LYS B 215 -8.19 -21.09 17.94
CA LYS B 215 -7.69 -20.30 19.08
C LYS B 215 -6.28 -20.80 19.42
N VAL B 216 -5.36 -19.87 19.58
CA VAL B 216 -3.99 -20.20 19.99
C VAL B 216 -3.60 -19.33 21.19
N ASP B 217 -3.12 -19.96 22.24
CA ASP B 217 -2.55 -19.25 23.40
C ASP B 217 -1.05 -19.57 23.40
N LYS B 218 -0.24 -18.61 22.94
CA LYS B 218 1.18 -18.85 22.75
C LYS B 218 1.95 -18.22 23.89
N LYS B 219 2.65 -19.05 24.64
CA LYS B 219 3.53 -18.59 25.71
C LYS B 219 4.79 -18.00 25.09
N VAL B 220 5.15 -16.79 25.50
CA VAL B 220 6.34 -16.12 24.96
C VAL B 220 7.42 -16.05 26.03
N GLU B 221 8.50 -16.79 25.81
CA GLU B 221 9.58 -16.91 26.80
C GLU B 221 10.84 -16.17 26.38
N PRO B 222 11.64 -15.76 27.36
CA PRO B 222 12.99 -15.23 27.09
C PRO B 222 13.83 -16.33 26.45
N LYS B 223 14.77 -15.97 25.57
CA LYS B 223 15.45 -16.99 24.74
C LYS B 223 16.93 -17.25 25.02
N SER B 224 17.32 -17.21 26.29
CA SER B 224 18.69 -17.59 26.70
C SER B 224 19.17 -18.88 26.01
#